data_1U4B
#
_entry.id   1U4B
#
_cell.length_a   86.313
_cell.length_b   93.494
_cell.length_c   106.372
_cell.angle_alpha   90.00
_cell.angle_beta   90.00
_cell.angle_gamma   90.00
#
_symmetry.space_group_name_H-M   'P 21 21 21'
#
loop_
_entity.id
_entity.type
_entity.pdbx_description
1 polymer 'DNA primer strand'
2 polymer 'DNA template strand with 8-oxoguanine'
3 polymer 'DNA polymerase I'
4 branched beta-D-fructofuranose-(2-1)-alpha-D-glucopyranose
5 non-polymer 'SULFATE ION'
6 non-polymer 'MAGNESIUM ION'
7 water water
#
loop_
_entity_poly.entity_id
_entity_poly.type
_entity_poly.pdbx_seq_one_letter_code
_entity_poly.pdbx_strand_id
1 'polydeoxyribonucleotide' (DG)(DC)(DC)(DT)(DG)(DA)(DC)(DT)(DC)(DG)(DA)(DT)(DA) B
2 'polydeoxyribonucleotide' (DC)(DT)(DA)(8OG)(DC)(DG)(DA)(DG)(DT)(DC)(DA)(DG)(DG)(DC)(DT) C
3 'polypeptide(L)'
;AAMAFTLADRVTEEMLADKAALVVEVVEENYHDAPIVGIAVVNEHGRFFLRPETALADPQFVAWLGDETKKKSMFDSKRA
AVALKWKGIELCGVSFDLLLAAYLLDPAQGVDDVAAAAKMKQYEAVRPDEAVYGKGAKRAVPDEPVLAEHLVRKAAAIWE
LERPFLDELRRNEQDRLLVELEQPLSSILAEMEFAGVKVDTKRLEQMGKELAEQLGTVEQRIYELAGQEFNINSPKQLGV
ILFEKLQLPVLKKTKTGYSTSADVLEKLAPYHEIVENILHYRQLGKLQSTYIEGLLKVVRPDTKKVHTIFNQALTQTGRL
SSTEPNLQNIPIRLEEGRKIRQAFVPSESDWLIFAADYSQIELRVLAHIAEDDNLMEAFRRDLDIHTKTAMDIFQVSEDE
VTPNMRRQAKAVNFGIVYGISDYGLAQNLNISRKEAAEFIERYFESFPGVKRYMENIVQEAKQKGYVTTLLHRRRYLPDI
TSRNFNVRSFAERMAMNTPIQGSAADIIKKAMIDLNARLKEERLQAHLLLQVHDELILEAPKEEMERLCRLVPEVMEQAV
TLRVPLKVDYHYGSTWYDAK
;
A
#
loop_
_chem_comp.id
_chem_comp.type
_chem_comp.name
_chem_comp.formula
8OG DNA linking 8-OXO-2'-DEOXY-GUANOSINE-5'-MONOPHOSPHATE 'C10 H14 N5 O8 P'
DA DNA linking 2'-DEOXYADENOSINE-5'-MONOPHOSPHATE 'C10 H14 N5 O6 P'
DC DNA linking 2'-DEOXYCYTIDINE-5'-MONOPHOSPHATE 'C9 H14 N3 O7 P'
DG DNA linking 2'-DEOXYGUANOSINE-5'-MONOPHOSPHATE 'C10 H14 N5 O7 P'
DT DNA linking THYMIDINE-5'-MONOPHOSPHATE 'C10 H15 N2 O8 P'
FRU D-saccharide, beta linking beta-D-fructofuranose 'C6 H12 O6'
GLC D-saccharide, alpha linking alpha-D-glucopyranose 'C6 H12 O6'
MG non-polymer 'MAGNESIUM ION' 'Mg 2'
SO4 non-polymer 'SULFATE ION' 'O4 S -2'
#
# COMPACT_ATOMS: atom_id res chain seq x y z
P 8OG B 4 3.29 7.61 -0.44
OP1 8OG B 4 4.28 7.36 -1.52
OP2 8OG B 4 2.62 8.94 -0.34
O5' 8OG B 4 2.18 6.48 -0.51
C5' 8OG B 4 0.95 6.67 -1.21
C4' 8OG B 4 -0.06 5.63 -0.77
O4' 8OG B 4 -0.42 5.82 0.61
C3' 8OG B 4 -1.37 5.70 -1.54
O3' 8OG B 4 -1.24 4.87 -2.69
C2' 8OG B 4 -2.37 5.13 -0.55
C1' 8OG B 4 -1.80 5.57 0.80
N9 8OG B 4 -2.50 6.78 1.32
C8 8OG B 4 -3.73 6.82 1.73
N7 8OG B 4 -4.04 7.99 2.18
C5 8OG B 4 -2.98 8.80 2.10
C6 8OG B 4 -2.71 10.14 2.44
O6 8OG B 4 -3.60 10.84 2.95
N1 8OG B 4 -1.42 10.68 2.21
C2 8OG B 4 -0.38 9.87 1.62
N2 8OG B 4 0.82 10.39 1.41
N3 8OG B 4 -0.66 8.53 1.29
C4 8OG B 4 -1.94 7.99 1.52
O8 8OG B 4 -4.51 5.86 1.67
N ALA C 1 16.23 6.17 -36.34
CA ALA C 1 16.45 4.91 -37.10
C ALA C 1 15.56 3.81 -36.54
N ALA C 2 14.83 3.14 -37.43
CA ALA C 2 13.93 2.07 -37.03
C ALA C 2 14.68 0.89 -36.44
N MET C 3 14.01 0.12 -35.58
CA MET C 3 14.63 -1.05 -34.97
C MET C 3 14.17 -2.30 -35.71
N ALA C 4 15.14 -3.08 -36.17
CA ALA C 4 14.86 -4.31 -36.89
C ALA C 4 14.30 -5.40 -35.99
N PHE C 5 13.36 -6.17 -36.52
CA PHE C 5 12.76 -7.27 -35.79
C PHE C 5 11.94 -8.11 -36.75
N THR C 6 11.65 -9.33 -36.35
CA THR C 6 10.87 -10.24 -37.16
C THR C 6 9.41 -10.28 -36.71
N LEU C 7 8.50 -10.01 -37.65
CA LEU C 7 7.07 -10.05 -37.35
C LEU C 7 6.72 -11.50 -37.65
N ALA C 8 6.82 -12.35 -36.64
CA ALA C 8 6.56 -13.78 -36.79
C ALA C 8 5.10 -14.18 -36.96
N ASP C 9 4.86 -15.14 -37.85
CA ASP C 9 3.52 -15.63 -38.11
C ASP C 9 3.32 -16.92 -37.32
N ARG C 10 4.42 -17.46 -36.81
CA ARG C 10 4.38 -18.68 -36.01
C ARG C 10 5.61 -18.75 -35.11
N VAL C 11 5.50 -19.50 -34.02
CA VAL C 11 6.59 -19.65 -33.06
C VAL C 11 7.70 -20.56 -33.57
N THR C 12 8.95 -20.12 -33.40
CA THR C 12 10.10 -20.92 -33.82
C THR C 12 10.99 -21.20 -32.62
N GLU C 13 11.84 -22.21 -32.74
CA GLU C 13 12.73 -22.62 -31.66
C GLU C 13 13.68 -21.54 -31.15
N GLU C 14 14.22 -20.72 -32.04
CA GLU C 14 15.14 -19.67 -31.61
C GLU C 14 14.45 -18.61 -30.76
N MET C 15 13.12 -18.64 -30.72
CA MET C 15 12.35 -17.70 -29.91
C MET C 15 12.22 -18.22 -28.50
N LEU C 16 12.62 -19.47 -28.29
CA LEU C 16 12.52 -20.11 -26.98
C LEU C 16 13.86 -20.39 -26.32
N ALA C 17 14.78 -19.44 -26.41
CA ALA C 17 16.10 -19.58 -25.79
C ALA C 17 15.93 -19.55 -24.26
N ASP C 18 16.96 -19.97 -23.52
CA ASP C 18 16.85 -20.00 -22.07
C ASP C 18 17.09 -18.66 -21.37
N LYS C 19 17.22 -17.60 -22.15
CA LYS C 19 17.44 -16.26 -21.60
C LYS C 19 16.82 -15.28 -22.59
N ALA C 20 15.88 -14.47 -22.12
CA ALA C 20 15.23 -13.53 -23.01
C ALA C 20 14.50 -12.40 -22.30
N ALA C 21 14.35 -11.29 -23.01
CA ALA C 21 13.60 -10.15 -22.50
C ALA C 21 12.22 -10.46 -23.08
N LEU C 22 11.20 -10.45 -22.23
CA LEU C 22 9.85 -10.77 -22.67
C LEU C 22 8.85 -9.66 -22.36
N VAL C 23 8.00 -9.39 -23.34
CA VAL C 23 6.95 -8.39 -23.18
C VAL C 23 5.62 -9.06 -23.53
N VAL C 24 4.72 -9.08 -22.55
CA VAL C 24 3.38 -9.63 -22.73
C VAL C 24 2.51 -8.42 -22.40
N GLU C 25 2.17 -7.67 -23.44
CA GLU C 25 1.44 -6.42 -23.29
C GLU C 25 -0.04 -6.44 -22.96
N VAL C 26 -0.38 -5.77 -21.87
CA VAL C 26 -1.76 -5.61 -21.41
C VAL C 26 -1.89 -4.10 -21.27
N VAL C 27 -2.64 -3.48 -22.18
CA VAL C 27 -2.83 -2.04 -22.19
C VAL C 27 -3.85 -1.52 -21.18
N GLU C 28 -4.90 -2.29 -20.92
CA GLU C 28 -5.91 -1.88 -19.96
C GLU C 28 -5.23 -1.69 -18.60
N GLU C 29 -5.45 -0.54 -17.96
CA GLU C 29 -4.82 -0.29 -16.66
C GLU C 29 -5.12 -1.40 -15.67
N ASN C 30 -6.38 -1.82 -15.60
CA ASN C 30 -6.78 -2.91 -14.71
C ASN C 30 -6.62 -4.16 -15.56
N TYR C 31 -5.59 -4.95 -15.27
CA TYR C 31 -5.29 -6.14 -16.04
C TYR C 31 -6.06 -7.41 -15.76
N HIS C 32 -7.00 -7.37 -14.82
CA HIS C 32 -7.77 -8.57 -14.50
C HIS C 32 -8.69 -8.99 -15.65
N ASP C 33 -8.47 -10.21 -16.14
CA ASP C 33 -9.24 -10.79 -17.24
C ASP C 33 -9.18 -9.87 -18.45
N ALA C 34 -8.04 -9.17 -18.58
CA ALA C 34 -7.84 -8.21 -19.67
C ALA C 34 -7.12 -8.82 -20.87
N PRO C 35 -7.31 -8.21 -22.05
CA PRO C 35 -6.68 -8.69 -23.28
C PRO C 35 -5.17 -8.51 -23.32
N ILE C 36 -4.48 -9.45 -23.95
CA ILE C 36 -3.05 -9.37 -24.15
C ILE C 36 -3.03 -8.98 -25.63
N VAL C 37 -2.54 -7.77 -25.92
CA VAL C 37 -2.53 -7.24 -27.28
C VAL C 37 -1.33 -7.59 -28.15
N GLY C 38 -0.25 -8.03 -27.53
CA GLY C 38 0.93 -8.37 -28.30
C GLY C 38 2.04 -8.92 -27.44
N ILE C 39 2.98 -9.61 -28.09
CA ILE C 39 4.10 -10.21 -27.39
C ILE C 39 5.39 -9.91 -28.14
N ALA C 40 6.44 -9.60 -27.39
CA ALA C 40 7.74 -9.33 -27.98
C ALA C 40 8.78 -10.12 -27.21
N VAL C 41 9.75 -10.64 -27.94
CA VAL C 41 10.82 -11.42 -27.35
C VAL C 41 12.14 -10.98 -27.95
N VAL C 42 13.12 -10.71 -27.09
CA VAL C 42 14.45 -10.32 -27.55
C VAL C 42 15.43 -11.24 -26.85
N ASN C 43 16.27 -11.91 -27.62
CA ASN C 43 17.26 -12.80 -27.05
C ASN C 43 18.52 -12.79 -27.91
N GLU C 44 19.44 -13.71 -27.64
CA GLU C 44 20.70 -13.78 -28.37
C GLU C 44 20.50 -13.96 -29.88
N HIS C 45 19.37 -14.54 -30.26
CA HIS C 45 19.08 -14.81 -31.67
C HIS C 45 18.42 -13.67 -32.45
N GLY C 46 17.93 -12.66 -31.74
CA GLY C 46 17.30 -11.55 -32.43
C GLY C 46 16.10 -10.97 -31.72
N ARG C 47 15.30 -10.20 -32.44
CA ARG C 47 14.11 -9.56 -31.88
C ARG C 47 12.88 -10.09 -32.61
N PHE C 48 11.84 -10.43 -31.87
CA PHE C 48 10.62 -10.98 -32.46
C PHE C 48 9.32 -10.41 -31.91
N PHE C 49 8.31 -10.32 -32.77
CA PHE C 49 6.99 -9.87 -32.36
C PHE C 49 6.04 -11.00 -32.70
N LEU C 50 5.21 -11.39 -31.74
CA LEU C 50 4.24 -12.46 -31.94
C LEU C 50 2.84 -11.99 -31.62
N ARG C 51 1.88 -12.39 -32.45
CA ARG C 51 0.49 -12.03 -32.21
C ARG C 51 0.03 -12.95 -31.08
N PRO C 52 -0.72 -12.42 -30.12
CA PRO C 52 -1.20 -13.23 -28.98
C PRO C 52 -1.98 -14.49 -29.34
N GLU C 53 -2.86 -14.39 -30.34
CA GLU C 53 -3.66 -15.54 -30.75
C GLU C 53 -2.74 -16.67 -31.15
N THR C 54 -1.64 -16.33 -31.80
CA THR C 54 -0.65 -17.30 -32.28
C THR C 54 0.18 -17.91 -31.16
N ALA C 55 0.88 -17.05 -30.44
CA ALA C 55 1.76 -17.48 -29.36
C ALA C 55 1.05 -18.22 -28.22
N LEU C 56 -0.02 -17.63 -27.71
CA LEU C 56 -0.74 -18.25 -26.60
C LEU C 56 -1.49 -19.53 -26.94
N ALA C 57 -1.54 -19.86 -28.23
CA ALA C 57 -2.21 -21.08 -28.66
C ALA C 57 -1.16 -22.13 -29.02
N ASP C 58 0.09 -21.70 -29.07
CA ASP C 58 1.20 -22.59 -29.40
C ASP C 58 1.70 -23.34 -28.17
N PRO C 59 1.59 -24.67 -28.20
CA PRO C 59 2.03 -25.53 -27.09
C PRO C 59 3.48 -25.32 -26.66
N GLN C 60 4.37 -25.10 -27.62
CA GLN C 60 5.78 -24.91 -27.32
C GLN C 60 6.02 -23.59 -26.58
N PHE C 61 5.33 -22.54 -27.03
CA PHE C 61 5.49 -21.23 -26.41
C PHE C 61 4.93 -21.23 -24.99
N VAL C 62 3.77 -21.87 -24.81
CA VAL C 62 3.15 -21.94 -23.49
C VAL C 62 4.04 -22.72 -22.53
N ALA C 63 4.64 -23.79 -23.02
CA ALA C 63 5.53 -24.60 -22.19
C ALA C 63 6.75 -23.77 -21.80
N TRP C 64 7.24 -22.98 -22.75
CA TRP C 64 8.40 -22.13 -22.51
C TRP C 64 8.08 -21.11 -21.41
N LEU C 65 6.90 -20.50 -21.50
CA LEU C 65 6.47 -19.51 -20.52
C LEU C 65 6.46 -20.10 -19.11
N GLY C 66 6.01 -21.36 -19.01
CA GLY C 66 5.94 -22.01 -17.72
C GLY C 66 7.18 -22.73 -17.24
N ASP C 67 8.23 -22.74 -18.06
CA ASP C 67 9.47 -23.42 -17.69
C ASP C 67 10.33 -22.51 -16.81
N GLU C 68 10.48 -22.88 -15.55
CA GLU C 68 11.28 -22.11 -14.60
C GLU C 68 12.75 -22.00 -14.99
N THR C 69 13.22 -22.92 -15.83
CA THR C 69 14.63 -22.90 -16.25
C THR C 69 14.88 -21.95 -17.43
N LYS C 70 13.80 -21.48 -18.04
CA LYS C 70 13.92 -20.53 -19.15
C LYS C 70 13.70 -19.18 -18.49
N LYS C 71 14.78 -18.42 -18.33
CA LYS C 71 14.74 -17.13 -17.65
C LYS C 71 14.27 -15.96 -18.50
N LYS C 72 13.39 -15.15 -17.91
CA LYS C 72 12.86 -13.98 -18.58
C LYS C 72 13.09 -12.70 -17.79
N SER C 73 13.38 -11.63 -18.52
CA SER C 73 13.56 -10.31 -17.94
C SER C 73 12.37 -9.53 -18.47
N MET C 74 11.65 -8.86 -17.56
CA MET C 74 10.45 -8.14 -17.92
C MET C 74 10.31 -6.81 -17.17
N PHE C 75 9.21 -6.12 -17.45
CA PHE C 75 8.85 -4.89 -16.77
C PHE C 75 7.41 -5.11 -16.31
N ASP C 76 7.19 -5.10 -14.99
CA ASP C 76 5.87 -5.33 -14.39
C ASP C 76 5.41 -6.74 -14.73
N SER C 77 6.17 -7.72 -14.27
CA SER C 77 5.83 -9.12 -14.52
C SER C 77 4.53 -9.55 -13.86
N LYS C 78 4.13 -8.88 -12.78
CA LYS C 78 2.88 -9.23 -12.11
C LYS C 78 1.69 -9.02 -13.05
N ARG C 79 1.72 -7.93 -13.80
CA ARG C 79 0.65 -7.62 -14.76
C ARG C 79 0.53 -8.76 -15.77
N ALA C 80 1.67 -9.20 -16.32
CA ALA C 80 1.65 -10.28 -17.29
C ALA C 80 1.22 -11.60 -16.64
N ALA C 81 1.75 -11.86 -15.45
CA ALA C 81 1.44 -13.09 -14.75
C ALA C 81 -0.06 -13.22 -14.46
N VAL C 82 -0.67 -12.13 -13.98
CA VAL C 82 -2.10 -12.17 -13.67
C VAL C 82 -2.93 -12.28 -14.94
N ALA C 83 -2.58 -11.50 -15.96
CA ALA C 83 -3.33 -11.56 -17.22
C ALA C 83 -3.29 -12.99 -17.76
N LEU C 84 -2.15 -13.66 -17.60
CA LEU C 84 -2.01 -15.03 -18.09
C LEU C 84 -2.77 -16.01 -17.20
N LYS C 85 -2.83 -15.75 -15.90
CA LYS C 85 -3.56 -16.62 -14.97
C LYS C 85 -5.03 -16.66 -15.39
N TRP C 86 -5.58 -15.52 -15.79
CA TRP C 86 -6.97 -15.49 -16.21
C TRP C 86 -7.19 -16.31 -17.49
N LYS C 87 -6.09 -16.62 -18.18
CA LYS C 87 -6.15 -17.41 -19.40
C LYS C 87 -5.72 -18.85 -19.16
N GLY C 88 -5.47 -19.18 -17.89
CA GLY C 88 -5.05 -20.53 -17.53
C GLY C 88 -3.62 -20.85 -17.91
N ILE C 89 -2.80 -19.82 -18.06
CA ILE C 89 -1.39 -20.01 -18.42
C ILE C 89 -0.48 -19.57 -17.29
N GLU C 90 0.52 -20.40 -16.99
CA GLU C 90 1.46 -20.11 -15.91
C GLU C 90 2.75 -19.49 -16.42
N LEU C 91 3.17 -18.41 -15.77
CA LEU C 91 4.40 -17.72 -16.13
C LEU C 91 5.44 -18.01 -15.04
N CYS C 92 6.56 -18.60 -15.43
CA CYS C 92 7.62 -18.91 -14.48
C CYS C 92 8.95 -18.43 -15.02
N GLY C 93 9.97 -18.49 -14.18
CA GLY C 93 11.31 -18.10 -14.59
C GLY C 93 11.62 -16.62 -14.75
N VAL C 94 10.81 -15.74 -14.16
CA VAL C 94 11.12 -14.32 -14.28
C VAL C 94 12.25 -14.02 -13.31
N SER C 95 13.44 -13.76 -13.86
CA SER C 95 14.62 -13.50 -13.04
C SER C 95 14.94 -12.03 -12.82
N PHE C 96 14.32 -11.15 -13.60
CA PHE C 96 14.56 -9.72 -13.49
C PHE C 96 13.33 -8.93 -13.88
N ASP C 97 12.91 -8.03 -12.99
CA ASP C 97 11.75 -7.17 -13.26
C ASP C 97 12.25 -5.74 -13.19
N LEU C 98 12.33 -5.09 -14.35
CA LEU C 98 12.83 -3.72 -14.44
C LEU C 98 12.03 -2.70 -13.62
N LEU C 99 10.72 -2.90 -13.51
CA LEU C 99 9.89 -2.00 -12.73
C LEU C 99 10.31 -2.02 -11.27
N LEU C 100 10.45 -3.20 -10.70
CA LEU C 100 10.84 -3.33 -9.31
C LEU C 100 12.27 -2.86 -9.10
N ALA C 101 13.14 -3.12 -10.07
CA ALA C 101 14.54 -2.69 -9.97
C ALA C 101 14.60 -1.16 -9.92
N ALA C 102 13.87 -0.50 -10.80
CA ALA C 102 13.85 0.96 -10.83
C ALA C 102 13.29 1.52 -9.53
N TYR C 103 12.21 0.90 -9.05
CA TYR C 103 11.56 1.32 -7.82
C TYR C 103 12.52 1.28 -6.64
N LEU C 104 13.31 0.22 -6.54
CA LEU C 104 14.25 0.09 -5.44
C LEU C 104 15.37 1.12 -5.54
N LEU C 105 15.84 1.38 -6.76
CA LEU C 105 16.91 2.36 -6.94
C LEU C 105 16.48 3.77 -6.56
N ASP C 106 15.23 4.12 -6.83
CA ASP C 106 14.72 5.45 -6.48
C ASP C 106 13.21 5.52 -6.62
N PRO C 107 12.48 5.30 -5.51
CA PRO C 107 11.02 5.36 -5.56
C PRO C 107 10.45 6.72 -5.93
N ALA C 108 11.24 7.77 -5.76
CA ALA C 108 10.78 9.12 -6.07
C ALA C 108 10.69 9.43 -7.57
N GLN C 109 11.36 8.63 -8.39
CA GLN C 109 11.33 8.86 -9.83
C GLN C 109 9.94 8.61 -10.41
N GLY C 110 9.14 7.82 -9.72
CA GLY C 110 7.80 7.51 -10.19
C GLY C 110 7.76 6.71 -11.47
N VAL C 111 8.75 5.84 -11.66
CA VAL C 111 8.80 5.00 -12.86
C VAL C 111 7.53 4.19 -13.01
N ASP C 112 6.86 4.39 -14.14
CA ASP C 112 5.60 3.72 -14.45
C ASP C 112 5.60 3.03 -15.81
N ASP C 113 6.70 3.19 -16.55
CA ASP C 113 6.82 2.52 -17.84
C ASP C 113 8.28 2.29 -18.18
N VAL C 114 8.52 1.46 -19.19
CA VAL C 114 9.89 1.14 -19.58
C VAL C 114 10.70 2.39 -19.94
N ALA C 115 10.09 3.33 -20.66
CA ALA C 115 10.80 4.55 -21.05
C ALA C 115 11.32 5.32 -19.84
N ALA C 116 10.53 5.37 -18.77
CA ALA C 116 10.94 6.10 -17.58
C ALA C 116 12.12 5.44 -16.88
N ALA C 117 12.12 4.11 -16.84
CA ALA C 117 13.20 3.38 -16.22
C ALA C 117 14.46 3.55 -17.07
N ALA C 118 14.30 3.45 -18.39
CA ALA C 118 15.42 3.58 -19.31
C ALA C 118 16.06 4.95 -19.24
N LYS C 119 15.25 5.99 -19.08
CA LYS C 119 15.79 7.34 -19.02
C LYS C 119 16.77 7.49 -17.86
N MET C 120 16.62 6.64 -16.83
CA MET C 120 17.51 6.70 -15.67
C MET C 120 18.95 6.39 -16.05
N LYS C 121 19.13 5.61 -17.11
CA LYS C 121 20.46 5.22 -17.58
C LYS C 121 20.76 5.87 -18.94
N GLN C 122 20.14 7.00 -19.21
CA GLN C 122 20.35 7.74 -20.45
C GLN C 122 20.04 6.93 -21.71
N TYR C 123 19.07 6.04 -21.62
CA TYR C 123 18.64 5.23 -22.76
C TYR C 123 17.30 5.80 -23.16
N GLU C 124 17.19 6.31 -24.37
CA GLU C 124 15.94 6.92 -24.82
C GLU C 124 15.38 6.39 -26.14
N ALA C 125 15.83 5.19 -26.53
CA ALA C 125 15.38 4.58 -27.78
C ALA C 125 14.10 3.77 -27.60
N VAL C 126 13.17 4.33 -26.84
CA VAL C 126 11.89 3.69 -26.57
C VAL C 126 10.92 4.81 -26.19
N ARG C 127 9.67 4.72 -26.64
CA ARG C 127 8.67 5.74 -26.37
C ARG C 127 7.89 5.48 -25.09
N PRO C 128 7.38 6.54 -24.45
CA PRO C 128 6.61 6.36 -23.23
C PRO C 128 5.30 5.68 -23.66
N ASP C 129 4.72 4.83 -22.82
CA ASP C 129 3.48 4.16 -23.19
C ASP C 129 2.37 5.17 -23.50
N GLU C 130 2.32 6.23 -22.71
CA GLU C 130 1.29 7.27 -22.90
C GLU C 130 1.35 7.87 -24.30
N ALA C 131 2.56 8.01 -24.83
CA ALA C 131 2.76 8.57 -26.15
C ALA C 131 2.22 7.64 -27.24
N VAL C 132 2.31 6.34 -27.01
CA VAL C 132 1.86 5.35 -27.97
C VAL C 132 0.37 5.02 -27.86
N TYR C 133 -0.11 4.84 -26.64
CA TYR C 133 -1.50 4.48 -26.40
C TYR C 133 -2.45 5.65 -26.15
N GLY C 134 -1.90 6.79 -25.74
CA GLY C 134 -2.74 7.94 -25.49
C GLY C 134 -3.12 8.05 -24.02
N LYS C 135 -3.72 9.18 -23.65
CA LYS C 135 -4.12 9.43 -22.28
C LYS C 135 -5.18 8.45 -21.77
N GLY C 136 -6.43 8.87 -21.75
CA GLY C 136 -7.51 8.02 -21.27
C GLY C 136 -8.65 7.91 -22.26
N ALA C 137 -9.37 9.01 -22.47
CA ALA C 137 -10.48 9.01 -23.40
C ALA C 137 -9.97 8.74 -24.82
N LYS C 138 -8.76 9.20 -25.10
CA LYS C 138 -8.14 9.01 -26.41
C LYS C 138 -7.21 7.80 -26.39
N ARG C 139 -7.35 6.98 -25.35
CA ARG C 139 -6.51 5.79 -25.22
C ARG C 139 -6.96 4.74 -26.22
N ALA C 140 -6.02 3.94 -26.72
CA ALA C 140 -6.33 2.90 -27.69
C ALA C 140 -5.09 2.19 -28.19
N VAL C 141 -5.26 0.95 -28.65
CA VAL C 141 -4.16 0.17 -29.18
C VAL C 141 -3.95 0.55 -30.64
N PRO C 142 -2.76 1.06 -30.98
CA PRO C 142 -2.44 1.46 -32.35
C PRO C 142 -2.40 0.28 -33.31
N ASP C 143 -2.24 0.56 -34.60
CA ASP C 143 -2.17 -0.49 -35.60
C ASP C 143 -0.94 -1.36 -35.36
N GLU C 144 -1.01 -2.60 -35.83
CA GLU C 144 0.09 -3.55 -35.64
C GLU C 144 1.49 -3.01 -35.89
N PRO C 145 1.70 -2.26 -36.99
CA PRO C 145 3.04 -1.73 -37.26
C PRO C 145 3.59 -0.88 -36.11
N VAL C 146 2.75 0.02 -35.59
CA VAL C 146 3.15 0.89 -34.49
C VAL C 146 3.28 0.09 -33.20
N LEU C 147 2.32 -0.80 -32.96
CA LEU C 147 2.33 -1.62 -31.75
C LEU C 147 3.56 -2.52 -31.68
N ALA C 148 3.82 -3.25 -32.76
CA ALA C 148 4.95 -4.16 -32.80
C ALA C 148 6.28 -3.50 -32.53
N GLU C 149 6.53 -2.35 -33.16
CA GLU C 149 7.80 -1.67 -32.95
C GLU C 149 7.93 -1.23 -31.50
N HIS C 150 6.84 -0.76 -30.91
CA HIS C 150 6.88 -0.31 -29.53
C HIS C 150 7.20 -1.46 -28.59
N LEU C 151 6.52 -2.59 -28.73
CA LEU C 151 6.79 -3.72 -27.85
C LEU C 151 8.22 -4.22 -28.01
N VAL C 152 8.71 -4.24 -29.25
CA VAL C 152 10.08 -4.70 -29.50
C VAL C 152 11.08 -3.72 -28.88
N ARG C 153 10.82 -2.42 -28.99
CA ARG C 153 11.73 -1.43 -28.41
C ARG C 153 11.73 -1.56 -26.87
N LYS C 154 10.58 -1.91 -26.29
CA LYS C 154 10.54 -2.07 -24.84
C LYS C 154 11.33 -3.32 -24.45
N ALA C 155 11.17 -4.39 -25.21
CA ALA C 155 11.90 -5.62 -24.93
C ALA C 155 13.41 -5.37 -25.11
N ALA C 156 13.77 -4.60 -26.12
CA ALA C 156 15.17 -4.29 -26.38
C ALA C 156 15.76 -3.49 -25.24
N ALA C 157 14.97 -2.56 -24.70
CA ALA C 157 15.43 -1.72 -23.58
C ALA C 157 15.67 -2.60 -22.36
N ILE C 158 14.73 -3.50 -22.08
CA ILE C 158 14.88 -4.41 -20.94
C ILE C 158 16.14 -5.26 -21.10
N TRP C 159 16.34 -5.76 -22.32
CA TRP C 159 17.49 -6.60 -22.63
C TRP C 159 18.80 -5.87 -22.36
N GLU C 160 18.86 -4.60 -22.74
CA GLU C 160 20.06 -3.79 -22.57
C GLU C 160 20.28 -3.26 -21.15
N LEU C 161 19.20 -2.95 -20.46
CA LEU C 161 19.29 -2.36 -19.12
C LEU C 161 19.42 -3.30 -17.92
N GLU C 162 19.15 -4.59 -18.09
CA GLU C 162 19.25 -5.51 -16.98
C GLU C 162 20.60 -5.44 -16.26
N ARG C 163 21.68 -5.55 -17.01
CA ARG C 163 23.02 -5.51 -16.44
C ARG C 163 23.31 -4.23 -15.64
N PRO C 164 23.14 -3.04 -16.24
CA PRO C 164 23.42 -1.82 -15.49
C PRO C 164 22.55 -1.65 -14.23
N PHE C 165 21.29 -2.06 -14.31
CA PHE C 165 20.42 -1.94 -13.14
C PHE C 165 20.87 -2.90 -12.05
N LEU C 166 21.17 -4.15 -12.41
CA LEU C 166 21.62 -5.12 -11.42
C LEU C 166 22.94 -4.67 -10.80
N ASP C 167 23.81 -4.08 -11.62
CA ASP C 167 25.09 -3.62 -11.11
C ASP C 167 24.92 -2.52 -10.06
N GLU C 168 24.01 -1.58 -10.32
CA GLU C 168 23.79 -0.50 -9.37
C GLU C 168 23.12 -1.03 -8.11
N LEU C 169 22.19 -1.97 -8.28
CA LEU C 169 21.52 -2.53 -7.12
C LEU C 169 22.56 -3.19 -6.22
N ARG C 170 23.52 -3.89 -6.83
CA ARG C 170 24.56 -4.56 -6.07
C ARG C 170 25.39 -3.54 -5.29
N ARG C 171 25.72 -2.43 -5.93
CA ARG C 171 26.50 -1.38 -5.28
C ARG C 171 25.73 -0.82 -4.08
N ASN C 172 24.40 -0.74 -4.23
CA ASN C 172 23.52 -0.23 -3.18
C ASN C 172 23.22 -1.29 -2.12
N GLU C 173 23.73 -2.50 -2.30
CA GLU C 173 23.48 -3.60 -1.38
C GLU C 173 21.99 -3.94 -1.40
N GLN C 174 21.39 -3.81 -2.59
CA GLN C 174 19.97 -4.08 -2.79
C GLN C 174 19.73 -5.27 -3.72
N ASP C 175 20.79 -5.99 -4.08
CA ASP C 175 20.62 -7.11 -4.99
C ASP C 175 19.71 -8.20 -4.42
N ARG C 176 19.86 -8.50 -3.13
CA ARG C 176 19.03 -9.50 -2.48
C ARG C 176 17.63 -8.95 -2.25
N LEU C 177 17.53 -7.64 -2.04
CA LEU C 177 16.23 -7.02 -1.83
C LEU C 177 15.38 -7.25 -3.08
N LEU C 178 15.99 -7.16 -4.26
CA LEU C 178 15.23 -7.39 -5.49
C LEU C 178 14.95 -8.88 -5.71
N VAL C 179 16.01 -9.67 -5.71
CA VAL C 179 15.93 -11.09 -5.99
C VAL C 179 15.30 -12.00 -4.95
N GLU C 180 15.54 -11.71 -3.68
CA GLU C 180 15.00 -12.55 -2.61
C GLU C 180 13.76 -12.00 -1.92
N LEU C 181 13.43 -10.74 -2.14
CA LEU C 181 12.25 -10.18 -1.51
C LEU C 181 11.18 -9.67 -2.48
N GLU C 182 11.47 -8.58 -3.21
CA GLU C 182 10.45 -8.04 -4.09
C GLU C 182 10.00 -8.93 -5.24
N GLN C 183 10.93 -9.61 -5.92
CA GLN C 183 10.48 -10.45 -7.02
C GLN C 183 9.65 -11.65 -6.53
N PRO C 184 10.07 -12.33 -5.46
CA PRO C 184 9.25 -13.46 -5.01
C PRO C 184 7.89 -12.94 -4.50
N LEU C 185 7.88 -11.75 -3.89
CA LEU C 185 6.65 -11.18 -3.39
C LEU C 185 5.68 -10.87 -4.54
N SER C 186 6.23 -10.45 -5.67
CA SER C 186 5.41 -10.13 -6.84
C SER C 186 4.54 -11.32 -7.23
N SER C 187 5.12 -12.50 -7.21
CA SER C 187 4.38 -13.72 -7.55
C SER C 187 3.29 -14.01 -6.53
N ILE C 188 3.56 -13.73 -5.27
CA ILE C 188 2.58 -13.95 -4.21
C ILE C 188 1.42 -12.96 -4.36
N LEU C 189 1.73 -11.70 -4.66
CA LEU C 189 0.68 -10.70 -4.84
C LEU C 189 -0.17 -11.08 -6.05
N ALA C 190 0.46 -11.63 -7.09
CA ALA C 190 -0.28 -12.04 -8.28
C ALA C 190 -1.32 -13.09 -7.89
N GLU C 191 -0.91 -14.04 -7.05
CA GLU C 191 -1.82 -15.09 -6.61
C GLU C 191 -2.98 -14.49 -5.79
N MET C 192 -2.65 -13.55 -4.91
CA MET C 192 -3.67 -12.92 -4.07
C MET C 192 -4.70 -12.16 -4.89
N GLU C 193 -4.22 -11.34 -5.82
CA GLU C 193 -5.10 -10.55 -6.68
C GLU C 193 -6.00 -11.44 -7.52
N PHE C 194 -5.41 -12.49 -8.11
CA PHE C 194 -6.16 -13.40 -8.95
C PHE C 194 -7.23 -14.16 -8.15
N ALA C 195 -6.90 -14.55 -6.92
CA ALA C 195 -7.84 -15.26 -6.07
C ALA C 195 -9.04 -14.37 -5.78
N GLY C 196 -8.77 -13.11 -5.44
CA GLY C 196 -9.82 -12.16 -5.13
C GLY C 196 -10.48 -12.45 -3.80
N VAL C 197 -11.41 -11.60 -3.40
CA VAL C 197 -12.15 -11.75 -2.15
C VAL C 197 -13.64 -11.77 -2.49
N LYS C 198 -14.35 -12.77 -1.98
CA LYS C 198 -15.78 -12.91 -2.23
C LYS C 198 -16.56 -11.85 -1.45
N VAL C 199 -17.56 -11.27 -2.10
CA VAL C 199 -18.37 -10.24 -1.48
C VAL C 199 -19.84 -10.64 -1.42
N ASP C 200 -20.47 -10.37 -0.28
CA ASP C 200 -21.88 -10.65 -0.07
C ASP C 200 -22.58 -9.41 -0.60
N THR C 201 -22.82 -9.37 -1.91
CA THR C 201 -23.46 -8.23 -2.54
C THR C 201 -24.83 -7.89 -2.01
N LYS C 202 -25.62 -8.91 -1.66
CA LYS C 202 -26.95 -8.67 -1.13
C LYS C 202 -26.86 -7.87 0.16
N ARG C 203 -25.86 -8.17 0.98
CA ARG C 203 -25.69 -7.46 2.23
C ARG C 203 -25.30 -6.01 2.01
N LEU C 204 -24.45 -5.76 1.02
CA LEU C 204 -24.03 -4.40 0.71
C LEU C 204 -25.22 -3.61 0.18
N GLU C 205 -26.01 -4.24 -0.68
CA GLU C 205 -27.17 -3.58 -1.26
C GLU C 205 -28.17 -3.20 -0.17
N GLN C 206 -28.33 -4.08 0.82
CA GLN C 206 -29.24 -3.82 1.93
C GLN C 206 -28.71 -2.64 2.74
N MET C 207 -27.40 -2.62 2.96
CA MET C 207 -26.79 -1.52 3.71
C MET C 207 -27.01 -0.21 2.95
N GLY C 208 -26.87 -0.28 1.64
CA GLY C 208 -27.05 0.90 0.82
C GLY C 208 -28.46 1.46 1.00
N LYS C 209 -29.44 0.56 1.08
CA LYS C 209 -30.81 0.99 1.26
C LYS C 209 -31.02 1.62 2.63
N GLU C 210 -30.40 1.04 3.66
CA GLU C 210 -30.53 1.56 5.01
C GLU C 210 -29.86 2.93 5.13
N LEU C 211 -28.71 3.10 4.47
CA LEU C 211 -28.00 4.37 4.51
C LEU C 211 -28.76 5.44 3.76
N ALA C 212 -29.36 5.08 2.63
CA ALA C 212 -30.11 6.04 1.82
C ALA C 212 -31.24 6.64 2.66
N GLU C 213 -31.87 5.81 3.48
CA GLU C 213 -32.96 6.26 4.33
C GLU C 213 -32.43 7.23 5.39
N GLN C 214 -31.36 6.83 6.07
CA GLN C 214 -30.76 7.66 7.10
C GLN C 214 -30.24 8.96 6.51
N LEU C 215 -29.61 8.88 5.34
CA LEU C 215 -29.06 10.05 4.68
C LEU C 215 -30.19 11.05 4.41
N GLY C 216 -31.36 10.54 4.02
CA GLY C 216 -32.49 11.41 3.75
C GLY C 216 -33.02 12.07 5.00
N THR C 217 -33.08 11.31 6.09
CA THR C 217 -33.57 11.82 7.37
C THR C 217 -32.67 12.93 7.91
N VAL C 218 -31.37 12.65 7.96
CA VAL C 218 -30.40 13.63 8.46
C VAL C 218 -30.36 14.83 7.53
N GLU C 219 -30.50 14.59 6.24
CA GLU C 219 -30.47 15.64 5.24
C GLU C 219 -31.59 16.66 5.51
N GLN C 220 -32.78 16.16 5.79
CA GLN C 220 -33.93 17.01 6.05
C GLN C 220 -33.77 17.78 7.36
N ARG C 221 -33.22 17.11 8.37
CA ARG C 221 -33.01 17.73 9.67
C ARG C 221 -32.04 18.91 9.51
N ILE C 222 -31.06 18.74 8.62
CA ILE C 222 -30.07 19.78 8.37
C ILE C 222 -30.71 21.00 7.74
N TYR C 223 -31.58 20.79 6.75
CA TYR C 223 -32.25 21.90 6.09
C TYR C 223 -33.15 22.61 7.10
N GLU C 224 -33.76 21.83 7.98
CA GLU C 224 -34.65 22.37 9.00
C GLU C 224 -33.89 23.30 9.92
N LEU C 225 -32.73 22.84 10.41
CA LEU C 225 -31.90 23.62 11.31
C LEU C 225 -31.25 24.81 10.62
N ALA C 226 -31.08 24.71 9.30
CA ALA C 226 -30.46 25.78 8.53
C ALA C 226 -31.48 26.79 8.04
N GLY C 227 -32.75 26.38 7.98
CA GLY C 227 -33.81 27.26 7.53
C GLY C 227 -33.86 27.36 6.02
N GLN C 228 -33.22 26.42 5.33
CA GLN C 228 -33.21 26.40 3.87
C GLN C 228 -32.49 25.18 3.36
N GLU C 229 -32.67 24.89 2.07
CA GLU C 229 -32.04 23.75 1.43
C GLU C 229 -30.79 24.18 0.66
N PHE C 230 -29.74 23.36 0.73
CA PHE C 230 -28.50 23.65 0.03
C PHE C 230 -27.73 22.34 -0.19
N ASN C 231 -26.65 22.41 -0.96
CA ASN C 231 -25.84 21.23 -1.22
C ASN C 231 -24.85 21.01 -0.08
N ILE C 232 -25.21 20.13 0.83
CA ILE C 232 -24.38 19.82 1.99
C ILE C 232 -23.01 19.29 1.59
N ASN C 233 -22.94 18.60 0.44
CA ASN C 233 -21.69 18.04 -0.05
C ASN C 233 -20.72 19.08 -0.57
N SER C 234 -21.15 20.34 -0.60
CA SER C 234 -20.30 21.41 -1.07
C SER C 234 -19.73 22.20 0.10
N PRO C 235 -18.43 22.04 0.38
CA PRO C 235 -17.79 22.76 1.48
C PRO C 235 -17.96 24.27 1.31
N LYS C 236 -18.22 24.68 0.07
CA LYS C 236 -18.42 26.08 -0.26
C LYS C 236 -19.79 26.53 0.20
N GLN C 237 -20.83 25.81 -0.22
CA GLN C 237 -22.20 26.15 0.15
C GLN C 237 -22.40 25.95 1.65
N LEU C 238 -21.74 24.93 2.21
CA LEU C 238 -21.84 24.64 3.63
C LEU C 238 -21.27 25.79 4.44
N GLY C 239 -20.08 26.25 4.05
CA GLY C 239 -19.43 27.34 4.75
C GLY C 239 -20.29 28.59 4.82
N VAL C 240 -21.04 28.86 3.77
CA VAL C 240 -21.92 30.03 3.74
C VAL C 240 -23.01 29.90 4.80
N ILE C 241 -23.59 28.71 4.88
CA ILE C 241 -24.65 28.45 5.85
C ILE C 241 -24.12 28.55 7.28
N LEU C 242 -22.98 27.91 7.52
CA LEU C 242 -22.38 27.89 8.86
C LEU C 242 -21.82 29.22 9.35
N PHE C 243 -20.91 29.79 8.58
CA PHE C 243 -20.23 31.02 8.99
C PHE C 243 -20.88 32.35 8.61
N GLU C 244 -21.90 32.31 7.77
CA GLU C 244 -22.59 33.53 7.38
C GLU C 244 -24.03 33.55 7.87
N LYS C 245 -24.82 32.58 7.43
CA LYS C 245 -26.22 32.50 7.83
C LYS C 245 -26.38 32.22 9.34
N LEU C 246 -25.59 31.28 9.86
CA LEU C 246 -25.67 30.92 11.27
C LEU C 246 -24.65 31.60 12.17
N GLN C 247 -23.78 32.40 11.57
CA GLN C 247 -22.78 33.16 12.33
C GLN C 247 -21.84 32.35 13.22
N LEU C 248 -21.50 31.13 12.82
CA LEU C 248 -20.59 30.34 13.63
C LEU C 248 -19.20 30.95 13.50
N PRO C 249 -18.38 30.83 14.56
CA PRO C 249 -17.02 31.39 14.52
C PRO C 249 -16.11 30.70 13.52
N VAL C 250 -15.27 31.50 12.85
CA VAL C 250 -14.32 30.97 11.89
C VAL C 250 -13.02 30.74 12.64
N LEU C 251 -12.76 29.48 12.96
CA LEU C 251 -11.56 29.11 13.71
C LEU C 251 -10.42 28.65 12.81
N LYS C 252 -10.71 28.48 11.52
CA LYS C 252 -9.69 28.03 10.58
C LYS C 252 -10.09 28.26 9.12
N LYS C 253 -9.10 28.54 8.29
CA LYS C 253 -9.34 28.76 6.87
C LYS C 253 -8.60 27.68 6.08
N THR C 254 -9.05 27.42 4.86
CA THR C 254 -8.43 26.40 4.02
C THR C 254 -7.33 26.99 3.12
N LYS C 255 -7.76 27.76 2.13
CA LYS C 255 -6.85 28.37 1.17
C LYS C 255 -7.69 29.11 0.15
N THR C 256 -8.91 28.60 -0.06
CA THR C 256 -9.83 29.20 -1.02
C THR C 256 -11.15 29.59 -0.36
N GLY C 257 -11.23 29.45 0.96
CA GLY C 257 -12.46 29.81 1.66
C GLY C 257 -12.54 29.35 3.10
N TYR C 258 -13.74 28.92 3.51
CA TYR C 258 -13.97 28.46 4.88
C TYR C 258 -13.62 26.99 5.05
N SER C 259 -12.96 26.66 6.16
CA SER C 259 -12.58 25.28 6.43
C SER C 259 -13.77 24.60 7.11
N THR C 260 -14.11 23.39 6.67
CA THR C 260 -15.22 22.66 7.26
C THR C 260 -14.83 21.22 7.58
N SER C 261 -13.53 21.00 7.82
CA SER C 261 -13.05 19.66 8.14
C SER C 261 -13.63 19.22 9.48
N ALA C 262 -13.71 17.90 9.68
CA ALA C 262 -14.26 17.34 10.90
C ALA C 262 -13.66 17.94 12.18
N ASP C 263 -12.35 18.15 12.18
CA ASP C 263 -11.67 18.70 13.35
C ASP C 263 -12.21 20.09 13.69
N VAL C 264 -12.54 20.86 12.65
CA VAL C 264 -13.08 22.20 12.84
C VAL C 264 -14.52 22.10 13.35
N LEU C 265 -15.31 21.26 12.69
CA LEU C 265 -16.71 21.08 13.06
C LEU C 265 -16.87 20.61 14.50
N GLU C 266 -16.01 19.70 14.93
CA GLU C 266 -16.08 19.18 16.29
C GLU C 266 -15.96 20.30 17.32
N LYS C 267 -15.21 21.34 16.98
CA LYS C 267 -15.04 22.47 17.88
C LYS C 267 -16.24 23.41 17.84
N LEU C 268 -16.96 23.41 16.73
CA LEU C 268 -18.13 24.28 16.56
C LEU C 268 -19.41 23.63 17.05
N ALA C 269 -19.38 22.32 17.27
CA ALA C 269 -20.56 21.58 17.70
C ALA C 269 -21.34 22.21 18.86
N PRO C 270 -20.65 22.67 19.92
CA PRO C 270 -21.37 23.27 21.04
C PRO C 270 -22.18 24.52 20.71
N TYR C 271 -21.86 25.18 19.59
CA TYR C 271 -22.57 26.41 19.21
C TYR C 271 -23.90 26.21 18.49
N HIS C 272 -24.04 25.12 17.76
CA HIS C 272 -25.29 24.90 17.02
C HIS C 272 -25.54 23.42 16.74
N GLU C 273 -26.80 23.01 16.90
CA GLU C 273 -27.21 21.63 16.69
C GLU C 273 -27.00 21.14 15.26
N ILE C 274 -26.88 22.06 14.31
CA ILE C 274 -26.69 21.64 12.92
C ILE C 274 -25.35 20.96 12.69
N VAL C 275 -24.34 21.36 13.46
CA VAL C 275 -23.00 20.80 13.30
C VAL C 275 -22.93 19.29 13.50
N GLU C 276 -23.50 18.79 14.58
CA GLU C 276 -23.47 17.35 14.83
C GLU C 276 -24.16 16.60 13.69
N ASN C 277 -25.17 17.21 13.09
CA ASN C 277 -25.89 16.60 11.99
C ASN C 277 -25.04 16.59 10.72
N ILE C 278 -24.27 17.65 10.50
CA ILE C 278 -23.40 17.73 9.33
C ILE C 278 -22.35 16.63 9.41
N LEU C 279 -21.81 16.42 10.61
CA LEU C 279 -20.80 15.39 10.83
C LEU C 279 -21.38 14.01 10.57
N HIS C 280 -22.61 13.79 11.04
CA HIS C 280 -23.29 12.51 10.85
C HIS C 280 -23.51 12.28 9.35
N TYR C 281 -24.00 13.32 8.68
CA TYR C 281 -24.25 13.27 7.24
C TYR C 281 -22.95 12.91 6.52
N ARG C 282 -21.86 13.53 6.94
CA ARG C 282 -20.53 13.29 6.36
C ARG C 282 -20.16 11.82 6.48
N GLN C 283 -20.33 11.27 7.68
CA GLN C 283 -20.03 9.87 7.95
C GLN C 283 -20.81 8.92 7.05
N LEU C 284 -22.13 9.11 7.00
CA LEU C 284 -23.01 8.27 6.18
C LEU C 284 -22.72 8.39 4.70
N GLY C 285 -22.54 9.62 4.23
CA GLY C 285 -22.27 9.86 2.82
C GLY C 285 -20.97 9.22 2.37
N LYS C 286 -19.99 9.21 3.25
CA LYS C 286 -18.69 8.61 2.95
C LYS C 286 -18.88 7.11 2.76
N LEU C 287 -19.61 6.48 3.67
CA LEU C 287 -19.86 5.05 3.59
C LEU C 287 -20.64 4.68 2.33
N GLN C 288 -21.66 5.48 2.02
CA GLN C 288 -22.50 5.23 0.86
C GLN C 288 -21.78 5.40 -0.47
N SER C 289 -21.21 6.59 -0.69
CA SER C 289 -20.54 6.89 -1.95
C SER C 289 -19.21 6.17 -2.20
N THR C 290 -18.31 6.21 -1.23
CA THR C 290 -17.01 5.58 -1.41
C THR C 290 -16.96 4.06 -1.26
N TYR C 291 -17.63 3.54 -0.24
CA TYR C 291 -17.58 2.11 0.02
C TYR C 291 -18.70 1.24 -0.55
N ILE C 292 -19.95 1.54 -0.22
CA ILE C 292 -21.05 0.74 -0.75
C ILE C 292 -21.12 0.82 -2.27
N GLU C 293 -21.26 2.03 -2.78
CA GLU C 293 -21.33 2.21 -4.23
C GLU C 293 -20.03 1.84 -4.91
N GLY C 294 -18.91 2.22 -4.30
CA GLY C 294 -17.61 1.90 -4.87
C GLY C 294 -17.37 0.41 -5.05
N LEU C 295 -17.63 -0.36 -4.00
CA LEU C 295 -17.43 -1.81 -4.06
C LEU C 295 -18.38 -2.46 -5.06
N LEU C 296 -19.66 -2.07 -5.00
CA LEU C 296 -20.64 -2.66 -5.91
C LEU C 296 -20.30 -2.41 -7.38
N LYS C 297 -19.60 -1.32 -7.65
CA LYS C 297 -19.21 -0.99 -9.02
C LYS C 297 -18.11 -1.88 -9.56
N VAL C 298 -17.23 -2.36 -8.68
CA VAL C 298 -16.12 -3.18 -9.14
C VAL C 298 -16.22 -4.67 -8.85
N VAL C 299 -17.26 -5.11 -8.15
CA VAL C 299 -17.41 -6.54 -7.89
C VAL C 299 -17.73 -7.22 -9.23
N ARG C 300 -17.14 -8.38 -9.47
CA ARG C 300 -17.38 -9.12 -10.72
C ARG C 300 -18.78 -9.70 -10.66
N PRO C 301 -19.63 -9.39 -11.66
CA PRO C 301 -21.01 -9.87 -11.73
C PRO C 301 -21.20 -11.38 -11.66
N ASP C 302 -20.24 -12.15 -12.16
CA ASP C 302 -20.37 -13.60 -12.15
C ASP C 302 -19.95 -14.26 -10.85
N THR C 303 -18.72 -14.01 -10.41
CA THR C 303 -18.18 -14.61 -9.20
C THR C 303 -18.49 -13.85 -7.90
N LYS C 304 -18.88 -12.59 -8.04
CA LYS C 304 -19.18 -11.74 -6.89
C LYS C 304 -17.91 -11.49 -6.08
N LYS C 305 -16.76 -11.55 -6.75
CA LYS C 305 -15.49 -11.30 -6.09
C LYS C 305 -14.92 -9.95 -6.52
N VAL C 306 -14.09 -9.38 -5.68
CA VAL C 306 -13.39 -8.14 -6.03
C VAL C 306 -11.93 -8.53 -6.15
N HIS C 307 -11.27 -8.04 -7.18
CA HIS C 307 -9.87 -8.35 -7.43
C HIS C 307 -9.06 -7.06 -7.41
N THR C 308 -8.51 -6.74 -6.24
CA THR C 308 -7.72 -5.54 -6.11
C THR C 308 -6.43 -5.70 -6.89
N ILE C 309 -5.71 -4.59 -7.04
CA ILE C 309 -4.41 -4.62 -7.67
C ILE C 309 -3.50 -3.94 -6.67
N PHE C 310 -2.50 -4.67 -6.20
CA PHE C 310 -1.55 -4.12 -5.25
C PHE C 310 -0.42 -3.47 -6.02
N ASN C 311 -0.27 -2.16 -5.88
CA ASN C 311 0.82 -1.47 -6.56
C ASN C 311 2.04 -1.68 -5.69
N GLN C 312 3.00 -2.43 -6.20
CA GLN C 312 4.21 -2.78 -5.48
C GLN C 312 5.35 -1.79 -5.73
N ALA C 313 5.15 -0.85 -6.64
CA ALA C 313 6.20 0.09 -6.98
C ALA C 313 5.72 1.54 -6.96
N LEU C 314 5.07 1.93 -5.87
CA LEU C 314 4.55 3.27 -5.77
C LEU C 314 4.93 4.07 -4.53
N THR C 315 4.70 3.53 -3.34
CA THR C 315 4.98 4.29 -2.12
C THR C 315 6.45 4.61 -1.89
N GLN C 316 6.69 5.76 -1.27
CA GLN C 316 8.05 6.22 -1.03
C GLN C 316 8.76 5.49 0.10
N THR C 317 8.01 4.71 0.88
CA THR C 317 8.59 4.01 2.02
C THR C 317 8.75 2.50 1.86
N GLY C 318 8.14 1.92 0.82
CA GLY C 318 8.27 0.49 0.64
C GLY C 318 6.96 -0.24 0.92
N ARG C 319 5.94 0.48 1.35
CA ARG C 319 4.65 -0.15 1.59
C ARG C 319 3.99 -0.45 0.25
N LEU C 320 2.96 -1.29 0.29
CA LEU C 320 2.19 -1.60 -0.91
C LEU C 320 1.05 -0.60 -0.88
N SER C 321 0.34 -0.43 -1.99
CA SER C 321 -0.87 0.39 -2.01
C SER C 321 -1.87 -0.54 -2.72
N SER C 322 -3.16 -0.25 -2.58
CA SER C 322 -4.21 -1.09 -3.14
C SER C 322 -5.23 -0.25 -3.91
N THR C 323 -5.65 -0.72 -5.08
CA THR C 323 -6.60 0.03 -5.90
C THR C 323 -7.65 -0.83 -6.59
N GLU C 324 -8.75 -0.18 -6.96
CA GLU C 324 -9.84 -0.81 -7.71
C GLU C 324 -10.25 -2.21 -7.30
N PRO C 325 -10.71 -2.41 -6.06
CA PRO C 325 -10.90 -1.41 -5.01
C PRO C 325 -9.73 -1.38 -4.05
N ASN C 326 -9.61 -0.28 -3.32
CA ASN C 326 -8.58 -0.17 -2.30
C ASN C 326 -9.16 -0.97 -1.14
N LEU C 327 -8.51 -2.07 -0.77
CA LEU C 327 -8.99 -2.89 0.34
C LEU C 327 -8.14 -2.67 1.57
N GLN C 328 -7.36 -1.60 1.57
CA GLN C 328 -6.50 -1.26 2.69
C GLN C 328 -7.03 -0.08 3.51
N ASN C 329 -8.21 0.43 3.15
CA ASN C 329 -8.79 1.51 3.92
C ASN C 329 -10.29 1.30 4.17
N ILE C 330 -10.68 0.04 4.34
CA ILE C 330 -12.07 -0.29 4.62
C ILE C 330 -12.32 0.12 6.07
N PRO C 331 -13.45 0.80 6.35
CA PRO C 331 -13.78 1.25 7.70
C PRO C 331 -13.67 0.22 8.83
N ILE C 332 -13.24 0.69 9.99
CA ILE C 332 -13.10 -0.18 11.15
C ILE C 332 -13.23 0.57 12.48
N ARG C 333 -12.81 1.83 12.51
CA ARG C 333 -12.85 2.62 13.74
C ARG C 333 -14.25 2.81 14.31
N LEU C 334 -15.19 3.22 13.47
CA LEU C 334 -16.57 3.43 13.90
C LEU C 334 -17.44 2.23 13.53
N GLU C 335 -18.19 1.73 14.50
CA GLU C 335 -19.05 0.57 14.29
C GLU C 335 -19.89 0.60 13.01
N GLU C 336 -20.50 1.74 12.73
CA GLU C 336 -21.34 1.88 11.54
C GLU C 336 -20.63 1.46 10.26
N GLY C 337 -19.43 2.01 10.06
CA GLY C 337 -18.67 1.68 8.87
C GLY C 337 -18.04 0.30 8.97
N ARG C 338 -17.66 -0.09 10.18
CA ARG C 338 -17.04 -1.39 10.40
C ARG C 338 -17.92 -2.52 9.89
N LYS C 339 -19.23 -2.37 10.01
CA LYS C 339 -20.15 -3.40 9.56
C LYS C 339 -20.00 -3.72 8.08
N ILE C 340 -19.37 -2.82 7.33
CA ILE C 340 -19.14 -3.05 5.90
C ILE C 340 -18.36 -4.34 5.74
N ARG C 341 -17.48 -4.63 6.70
CA ARG C 341 -16.64 -5.83 6.64
C ARG C 341 -17.41 -7.13 6.74
N GLN C 342 -18.68 -7.06 7.11
CA GLN C 342 -19.51 -8.26 7.20
C GLN C 342 -19.81 -8.75 5.78
N ALA C 343 -19.60 -7.89 4.80
CA ALA C 343 -19.86 -8.24 3.41
C ALA C 343 -18.68 -8.95 2.74
N PHE C 344 -17.55 -9.04 3.44
CA PHE C 344 -16.39 -9.73 2.89
C PHE C 344 -16.41 -11.11 3.52
N VAL C 345 -16.65 -12.11 2.69
CA VAL C 345 -16.81 -13.48 3.15
C VAL C 345 -15.88 -14.50 2.49
N PRO C 346 -15.80 -15.72 3.05
CA PRO C 346 -14.95 -16.78 2.48
C PRO C 346 -15.45 -17.15 1.07
N SER C 347 -14.52 -17.57 0.22
CA SER C 347 -14.86 -17.90 -1.17
C SER C 347 -15.43 -19.30 -1.37
N GLU C 348 -15.37 -20.13 -0.34
CA GLU C 348 -15.89 -21.49 -0.45
C GLU C 348 -16.72 -21.86 0.77
N SER C 349 -17.55 -22.87 0.62
CA SER C 349 -18.40 -23.32 1.71
C SER C 349 -17.57 -23.90 2.84
N ASP C 350 -17.96 -23.57 4.07
CA ASP C 350 -17.30 -24.06 5.27
C ASP C 350 -15.86 -23.60 5.44
N TRP C 351 -15.58 -22.42 4.92
CA TRP C 351 -14.26 -21.79 5.05
C TRP C 351 -14.45 -20.60 5.97
N LEU C 352 -13.35 -20.07 6.50
CA LEU C 352 -13.43 -18.93 7.41
C LEU C 352 -12.34 -17.92 7.08
N ILE C 353 -12.50 -16.70 7.59
CA ILE C 353 -11.51 -15.64 7.39
C ILE C 353 -10.60 -15.64 8.61
N PHE C 354 -9.29 -15.57 8.38
CA PHE C 354 -8.30 -15.57 9.46
C PHE C 354 -7.43 -14.31 9.30
N ALA C 355 -7.32 -13.52 10.36
CA ALA C 355 -6.52 -12.29 10.30
C ALA C 355 -5.49 -12.22 11.42
N ALA C 356 -4.24 -11.96 11.04
CA ALA C 356 -3.15 -11.87 12.02
C ALA C 356 -2.49 -10.51 11.87
N ASP C 357 -2.24 -9.83 12.99
CA ASP C 357 -1.63 -8.51 12.93
C ASP C 357 -0.51 -8.31 13.94
N TYR C 358 0.52 -7.57 13.54
CA TYR C 358 1.62 -7.28 14.45
C TYR C 358 1.16 -6.29 15.50
N SER C 359 1.59 -6.49 16.74
CA SER C 359 1.26 -5.56 17.82
C SER C 359 2.37 -4.52 17.90
N GLN C 360 2.04 -3.27 17.60
CA GLN C 360 2.99 -2.16 17.66
C GLN C 360 4.31 -2.42 16.93
N ILE C 361 4.25 -2.89 15.70
CA ILE C 361 5.50 -3.18 15.00
C ILE C 361 6.38 -1.94 14.79
N GLU C 362 5.78 -0.80 14.49
CA GLU C 362 6.59 0.39 14.26
C GLU C 362 7.38 0.84 15.49
N LEU C 363 6.75 0.82 16.66
CA LEU C 363 7.45 1.22 17.88
C LEU C 363 8.50 0.17 18.25
N ARG C 364 8.23 -1.10 17.93
CA ARG C 364 9.19 -2.15 18.24
C ARG C 364 10.40 -1.99 17.31
N VAL C 365 10.14 -1.62 16.06
CA VAL C 365 11.23 -1.39 15.11
C VAL C 365 12.06 -0.21 15.60
N LEU C 366 11.38 0.83 16.09
CA LEU C 366 12.09 2.00 16.60
C LEU C 366 12.98 1.60 17.79
N ALA C 367 12.45 0.78 18.69
CA ALA C 367 13.22 0.33 19.85
C ALA C 367 14.49 -0.35 19.36
N HIS C 368 14.34 -1.20 18.35
CA HIS C 368 15.48 -1.93 17.79
C HIS C 368 16.52 -1.00 17.16
N ILE C 369 16.09 -0.14 16.25
CA ILE C 369 17.02 0.74 15.57
C ILE C 369 17.67 1.81 16.44
N ALA C 370 16.94 2.33 17.41
CA ALA C 370 17.48 3.35 18.30
C ALA C 370 18.24 2.74 19.46
N GLU C 371 18.00 1.46 19.72
CA GLU C 371 18.65 0.76 20.83
C GLU C 371 18.44 1.53 22.12
N ASP C 372 17.21 1.99 22.32
CA ASP C 372 16.85 2.73 23.52
C ASP C 372 16.55 1.72 24.63
N ASP C 373 17.35 1.75 25.69
CA ASP C 373 17.19 0.79 26.79
C ASP C 373 15.80 0.77 27.41
N ASN C 374 15.22 1.95 27.64
CA ASN C 374 13.90 2.05 28.26
C ASN C 374 12.82 1.51 27.33
N LEU C 375 12.87 1.86 26.05
CA LEU C 375 11.87 1.39 25.11
C LEU C 375 12.00 -0.11 24.87
N MET C 376 13.23 -0.62 24.79
CA MET C 376 13.43 -2.04 24.57
C MET C 376 12.92 -2.84 25.76
N GLU C 377 13.17 -2.33 26.97
CA GLU C 377 12.72 -3.02 28.18
C GLU C 377 11.19 -3.04 28.21
N ALA C 378 10.57 -1.94 27.78
CA ALA C 378 9.11 -1.88 27.76
C ALA C 378 8.52 -3.01 26.91
N PHE C 379 9.07 -3.24 25.73
CA PHE C 379 8.56 -4.30 24.88
C PHE C 379 8.96 -5.68 25.37
N ARG C 380 10.11 -5.77 26.04
CA ARG C 380 10.54 -7.06 26.56
C ARG C 380 9.55 -7.49 27.66
N ARG C 381 8.91 -6.51 28.30
CA ARG C 381 7.91 -6.78 29.34
C ARG C 381 6.51 -6.82 28.73
N ASP C 382 6.45 -6.60 27.41
CA ASP C 382 5.19 -6.57 26.67
C ASP C 382 4.19 -5.63 27.35
N LEU C 383 4.67 -4.45 27.74
CA LEU C 383 3.83 -3.46 28.41
C LEU C 383 2.91 -2.74 27.44
N ASP C 384 1.88 -2.09 28.01
CA ASP C 384 0.97 -1.27 27.21
C ASP C 384 1.89 -0.07 26.97
N ILE C 385 2.36 0.08 25.74
CA ILE C 385 3.29 1.15 25.43
C ILE C 385 2.80 2.57 25.64
N HIS C 386 1.49 2.80 25.49
CA HIS C 386 0.98 4.15 25.69
C HIS C 386 0.89 4.49 27.18
N THR C 387 0.55 3.49 27.99
CA THR C 387 0.48 3.71 29.42
C THR C 387 1.90 3.90 29.95
N LYS C 388 2.83 3.13 29.40
CA LYS C 388 4.24 3.23 29.77
C LYS C 388 4.78 4.62 29.45
N THR C 389 4.45 5.11 28.26
CA THR C 389 4.92 6.44 27.86
C THR C 389 4.32 7.51 28.75
N ALA C 390 3.05 7.35 29.13
CA ALA C 390 2.39 8.32 30.01
C ALA C 390 3.09 8.33 31.37
N MET C 391 3.40 7.16 31.89
CA MET C 391 4.07 7.05 33.17
C MET C 391 5.37 7.83 33.17
N ASP C 392 6.16 7.65 32.12
CA ASP C 392 7.45 8.31 32.02
C ASP C 392 7.38 9.82 31.80
N ILE C 393 6.61 10.26 30.81
CA ILE C 393 6.56 11.69 30.54
C ILE C 393 5.80 12.52 31.56
N PHE C 394 4.83 11.92 32.24
CA PHE C 394 4.06 12.67 33.23
C PHE C 394 4.51 12.35 34.66
N GLN C 395 5.51 11.49 34.76
CA GLN C 395 6.10 11.09 36.04
C GLN C 395 5.08 10.62 37.08
N VAL C 396 4.34 9.57 36.75
CA VAL C 396 3.35 9.00 37.65
C VAL C 396 3.44 7.48 37.60
N SER C 397 2.88 6.82 38.61
CA SER C 397 2.90 5.36 38.65
C SER C 397 1.81 4.85 37.71
N GLU C 398 1.86 3.57 37.38
CA GLU C 398 0.86 2.99 36.48
C GLU C 398 -0.55 3.26 36.97
N ASP C 399 -0.76 3.12 38.28
CA ASP C 399 -2.08 3.35 38.86
C ASP C 399 -2.53 4.81 38.76
N GLU C 400 -1.57 5.72 38.63
CA GLU C 400 -1.88 7.14 38.53
C GLU C 400 -2.19 7.59 37.10
N VAL C 401 -1.90 6.74 36.12
CA VAL C 401 -2.18 7.11 34.74
C VAL C 401 -3.67 7.16 34.48
N THR C 402 -4.16 8.35 34.15
CA THR C 402 -5.57 8.56 33.85
C THR C 402 -5.82 8.35 32.36
N PRO C 403 -7.09 8.16 31.97
CA PRO C 403 -7.39 7.97 30.55
C PRO C 403 -6.91 9.13 29.68
N ASN C 404 -7.07 10.36 30.17
CA ASN C 404 -6.63 11.51 29.39
C ASN C 404 -5.13 11.50 29.18
N MET C 405 -4.41 11.05 30.19
CA MET C 405 -2.95 10.96 30.11
C MET C 405 -2.54 9.93 29.07
N ARG C 406 -3.21 8.78 29.06
CA ARG C 406 -2.86 7.75 28.09
C ARG C 406 -3.13 8.24 26.67
N ARG C 407 -4.24 8.97 26.51
CA ARG C 407 -4.62 9.50 25.21
C ARG C 407 -3.55 10.45 24.67
N GLN C 408 -3.05 11.33 25.54
CA GLN C 408 -2.04 12.27 25.12
C GLN C 408 -0.69 11.60 24.87
N ALA C 409 -0.38 10.56 25.66
CA ALA C 409 0.89 9.86 25.47
C ALA C 409 0.85 9.09 24.14
N LYS C 410 -0.33 8.62 23.78
CA LYS C 410 -0.51 7.89 22.53
C LYS C 410 -0.25 8.83 21.36
N ALA C 411 -0.75 10.07 21.47
CA ALA C 411 -0.54 11.06 20.41
C ALA C 411 0.96 11.37 20.30
N VAL C 412 1.64 11.39 21.44
CA VAL C 412 3.07 11.63 21.45
C VAL C 412 3.78 10.49 20.73
N ASN C 413 3.37 9.25 21.00
CA ASN C 413 4.00 8.10 20.36
C ASN C 413 3.80 8.13 18.84
N PHE C 414 2.64 8.58 18.39
CA PHE C 414 2.40 8.67 16.94
C PHE C 414 3.33 9.71 16.35
N GLY C 415 3.46 10.84 17.04
CA GLY C 415 4.33 11.89 16.54
C GLY C 415 5.76 11.44 16.46
N ILE C 416 6.19 10.64 17.44
CA ILE C 416 7.56 10.15 17.45
C ILE C 416 7.86 9.30 16.22
N VAL C 417 6.93 8.42 15.86
CA VAL C 417 7.11 7.56 14.69
C VAL C 417 7.01 8.35 13.38
N TYR C 418 6.13 9.34 13.35
CA TYR C 418 5.92 10.16 12.16
C TYR C 418 7.02 11.19 11.90
N GLY C 419 7.74 11.54 12.97
CA GLY C 419 8.76 12.58 12.87
C GLY C 419 8.12 13.68 13.69
N ILE C 420 8.48 13.73 14.97
CA ILE C 420 7.89 14.67 15.91
C ILE C 420 7.98 16.15 15.54
N SER C 421 6.89 16.87 15.79
CA SER C 421 6.81 18.31 15.52
C SER C 421 5.96 18.95 16.60
N ASP C 422 6.46 20.02 17.22
CA ASP C 422 5.67 20.67 18.26
C ASP C 422 4.39 21.22 17.66
N TYR C 423 4.47 21.73 16.44
CA TYR C 423 3.29 22.28 15.77
C TYR C 423 2.30 21.17 15.41
N GLY C 424 2.81 20.06 14.88
CA GLY C 424 1.95 18.97 14.49
C GLY C 424 1.28 18.31 15.68
N LEU C 425 2.04 18.13 16.76
CA LEU C 425 1.50 17.53 17.97
C LEU C 425 0.48 18.46 18.59
N ALA C 426 0.79 19.76 18.60
CA ALA C 426 -0.11 20.76 19.17
C ALA C 426 -1.44 20.73 18.44
N GLN C 427 -1.39 20.65 17.11
CA GLN C 427 -2.60 20.60 16.30
C GLN C 427 -3.42 19.34 16.61
N ASN C 428 -2.74 18.20 16.70
CA ASN C 428 -3.40 16.94 16.98
C ASN C 428 -4.06 16.90 18.34
N LEU C 429 -3.40 17.45 19.36
CA LEU C 429 -3.93 17.45 20.72
C LEU C 429 -4.68 18.72 21.09
N ASN C 430 -4.77 19.66 20.15
CA ASN C 430 -5.45 20.92 20.41
C ASN C 430 -4.88 21.64 21.63
N ILE C 431 -3.56 21.78 21.64
CA ILE C 431 -2.86 22.47 22.73
C ILE C 431 -1.90 23.46 22.08
N SER C 432 -1.21 24.26 22.89
CA SER C 432 -0.29 25.24 22.35
C SER C 432 1.01 24.59 21.92
N ARG C 433 1.75 25.27 21.05
CA ARG C 433 3.03 24.75 20.59
C ARG C 433 3.97 24.60 21.78
N LYS C 434 3.91 25.55 22.70
CA LYS C 434 4.77 25.52 23.88
C LYS C 434 4.49 24.27 24.73
N GLU C 435 3.21 23.97 24.91
CA GLU C 435 2.81 22.80 25.70
C GLU C 435 3.24 21.50 25.03
N ALA C 436 3.09 21.43 23.71
CA ALA C 436 3.50 20.23 22.98
C ALA C 436 5.02 20.08 23.06
N ALA C 437 5.74 21.18 22.97
CA ALA C 437 7.19 21.15 23.05
C ALA C 437 7.64 20.57 24.39
N GLU C 438 6.88 20.86 25.45
CA GLU C 438 7.19 20.37 26.78
C GLU C 438 7.02 18.85 26.83
N PHE C 439 5.95 18.34 26.21
CA PHE C 439 5.71 16.89 26.18
C PHE C 439 6.87 16.21 25.45
N ILE C 440 7.29 16.80 24.34
CA ILE C 440 8.36 16.26 23.54
C ILE C 440 9.68 16.22 24.32
N GLU C 441 9.95 17.29 25.05
CA GLU C 441 11.16 17.36 25.84
C GLU C 441 11.15 16.28 26.91
N ARG C 442 9.98 16.06 27.52
CA ARG C 442 9.85 15.04 28.55
C ARG C 442 10.05 13.65 27.93
N TYR C 443 9.52 13.46 26.72
CA TYR C 443 9.66 12.18 26.05
C TYR C 443 11.13 11.86 25.82
N PHE C 444 11.88 12.81 25.26
CA PHE C 444 13.28 12.57 24.99
C PHE C 444 14.11 12.39 26.26
N GLU C 445 13.63 12.92 27.38
CA GLU C 445 14.33 12.76 28.64
C GLU C 445 14.16 11.31 29.10
N SER C 446 13.00 10.74 28.83
CA SER C 446 12.70 9.37 29.22
C SER C 446 13.23 8.34 28.23
N PHE C 447 13.37 8.75 26.97
CA PHE C 447 13.88 7.86 25.93
C PHE C 447 15.06 8.52 25.21
N PRO C 448 16.18 8.69 25.91
CA PRO C 448 17.38 9.31 25.32
C PRO C 448 17.93 8.60 24.10
N GLY C 449 17.68 7.30 24.00
CA GLY C 449 18.16 6.54 22.85
C GLY C 449 17.41 6.98 21.61
N VAL C 450 16.10 7.18 21.76
CA VAL C 450 15.27 7.63 20.65
C VAL C 450 15.72 9.03 20.24
N LYS C 451 16.00 9.87 21.22
CA LYS C 451 16.45 11.23 20.93
C LYS C 451 17.73 11.18 20.11
N ARG C 452 18.68 10.38 20.55
CA ARG C 452 19.95 10.25 19.84
C ARG C 452 19.72 9.75 18.43
N TYR C 453 18.80 8.79 18.29
CA TYR C 453 18.49 8.25 16.98
C TYR C 453 17.96 9.31 16.02
N MET C 454 16.98 10.08 16.49
CA MET C 454 16.38 11.13 15.65
C MET C 454 17.44 12.15 15.22
N GLU C 455 18.36 12.49 16.12
CA GLU C 455 19.42 13.43 15.79
C GLU C 455 20.35 12.82 14.74
N ASN C 456 20.78 11.58 15.01
CA ASN C 456 21.71 10.90 14.12
C ASN C 456 21.18 10.57 12.73
N ILE C 457 19.92 10.13 12.65
CA ILE C 457 19.36 9.79 11.34
C ILE C 457 19.25 11.01 10.43
N VAL C 458 18.97 12.17 11.01
CA VAL C 458 18.86 13.39 10.22
C VAL C 458 20.26 13.76 9.72
N GLN C 459 21.27 13.62 10.58
CA GLN C 459 22.64 13.92 10.19
C GLN C 459 23.08 12.95 9.09
N GLU C 460 22.67 11.69 9.21
CA GLU C 460 23.03 10.67 8.23
C GLU C 460 22.41 10.98 6.86
N ALA C 461 21.15 11.37 6.87
CA ALA C 461 20.45 11.69 5.62
C ALA C 461 21.16 12.84 4.91
N LYS C 462 21.66 13.78 5.69
CA LYS C 462 22.37 14.92 5.12
C LYS C 462 23.72 14.50 4.56
N GLN C 463 24.44 13.66 5.32
CA GLN C 463 25.76 13.19 4.89
C GLN C 463 25.73 12.30 3.67
N LYS C 464 24.88 11.27 3.70
CA LYS C 464 24.76 10.31 2.61
C LYS C 464 23.83 10.72 1.49
N GLY C 465 22.79 11.48 1.84
CA GLY C 465 21.81 11.92 0.85
C GLY C 465 20.55 11.07 0.83
N TYR C 466 20.52 10.05 1.68
CA TYR C 466 19.36 9.15 1.75
C TYR C 466 19.35 8.41 3.07
N VAL C 467 18.24 7.74 3.35
CA VAL C 467 18.11 6.92 4.56
C VAL C 467 17.75 5.52 4.07
N THR C 468 17.98 4.53 4.92
CA THR C 468 17.72 3.14 4.55
C THR C 468 16.89 2.38 5.59
N THR C 469 16.38 1.24 5.16
CA THR C 469 15.60 0.37 6.03
C THR C 469 16.40 -0.88 6.37
N LEU C 470 15.84 -1.71 7.23
CA LEU C 470 16.50 -2.94 7.66
C LEU C 470 16.97 -3.83 6.51
N LEU C 471 16.17 -3.92 5.44
CA LEU C 471 16.56 -4.77 4.31
C LEU C 471 17.19 -4.00 3.16
N HIS C 472 17.67 -2.79 3.47
CA HIS C 472 18.38 -1.93 2.52
C HIS C 472 17.58 -1.17 1.48
N ARG C 473 16.31 -0.93 1.75
CA ARG C 473 15.49 -0.14 0.85
C ARG C 473 16.00 1.28 1.11
N ARG C 474 15.93 2.15 0.12
CA ARG C 474 16.41 3.51 0.35
C ARG C 474 15.47 4.59 -0.16
N ARG C 475 15.62 5.77 0.41
CA ARG C 475 14.82 6.92 0.01
C ARG C 475 15.73 8.14 0.05
N TYR C 476 15.88 8.79 -1.10
CA TYR C 476 16.71 9.98 -1.17
C TYR C 476 15.95 11.17 -0.59
N LEU C 477 16.66 12.05 0.10
CA LEU C 477 16.02 13.21 0.71
C LEU C 477 16.78 14.50 0.39
N PRO C 478 16.76 14.92 -0.88
CA PRO C 478 17.45 16.15 -1.29
C PRO C 478 17.03 17.41 -0.52
N ASP C 479 15.78 17.44 -0.06
CA ASP C 479 15.27 18.61 0.67
C ASP C 479 15.84 18.75 2.08
N ILE C 480 16.60 17.76 2.52
CA ILE C 480 17.19 17.77 3.85
C ILE C 480 18.18 18.93 4.00
N THR C 481 18.65 19.46 2.87
CA THR C 481 19.62 20.55 2.91
C THR C 481 19.03 21.90 2.50
N SER C 482 17.70 21.95 2.36
CA SER C 482 17.02 23.17 1.98
C SER C 482 17.18 24.27 3.03
N ARG C 483 17.23 25.52 2.58
CA ARG C 483 17.36 26.64 3.51
C ARG C 483 15.98 27.21 3.84
N ASN C 484 14.95 26.48 3.43
CA ASN C 484 13.57 26.86 3.72
C ASN C 484 13.16 25.94 4.86
N PHE C 485 12.86 26.52 6.01
CA PHE C 485 12.49 25.75 7.19
C PHE C 485 11.39 24.71 7.01
N ASN C 486 10.29 25.09 6.36
CA ASN C 486 9.20 24.13 6.18
C ASN C 486 9.58 22.96 5.28
N VAL C 487 10.28 23.26 4.19
CA VAL C 487 10.70 22.23 3.26
C VAL C 487 11.70 21.29 3.93
N ARG C 488 12.68 21.87 4.62
CA ARG C 488 13.69 21.06 5.30
C ARG C 488 13.08 20.21 6.41
N SER C 489 12.16 20.78 7.18
CA SER C 489 11.54 20.07 8.28
C SER C 489 10.76 18.85 7.82
N PHE C 490 10.09 18.97 6.68
CA PHE C 490 9.34 17.83 6.14
C PHE C 490 10.33 16.72 5.82
N ALA C 491 11.46 17.07 5.20
CA ALA C 491 12.48 16.08 4.86
C ALA C 491 13.04 15.42 6.12
N GLU C 492 13.22 16.20 7.18
CA GLU C 492 13.74 15.66 8.43
C GLU C 492 12.76 14.64 9.02
N ARG C 493 11.46 14.93 8.93
CA ARG C 493 10.47 13.99 9.43
C ARG C 493 10.52 12.71 8.60
N MET C 494 10.76 12.84 7.29
CA MET C 494 10.84 11.66 6.44
C MET C 494 12.07 10.84 6.81
N ALA C 495 13.15 11.51 7.19
CA ALA C 495 14.37 10.80 7.58
C ALA C 495 14.10 9.97 8.82
N MET C 496 13.28 10.53 9.72
CA MET C 496 12.94 9.86 10.97
C MET C 496 11.93 8.74 10.75
N ASN C 497 10.90 9.02 9.96
CA ASN C 497 9.83 8.05 9.71
C ASN C 497 10.11 6.92 8.72
N THR C 498 10.79 7.22 7.62
CA THR C 498 11.01 6.17 6.61
C THR C 498 11.70 4.89 7.10
N PRO C 499 12.75 5.00 7.92
CA PRO C 499 13.37 3.75 8.36
C PRO C 499 12.41 2.91 9.21
N ILE C 500 11.50 3.58 9.90
CA ILE C 500 10.52 2.87 10.74
C ILE C 500 9.41 2.26 9.89
N GLN C 501 8.68 3.09 9.15
CA GLN C 501 7.60 2.57 8.31
C GLN C 501 8.15 1.60 7.27
N GLY C 502 9.30 1.93 6.68
CA GLY C 502 9.92 1.09 5.67
C GLY C 502 10.42 -0.25 6.17
N SER C 503 11.03 -0.26 7.35
CA SER C 503 11.51 -1.52 7.90
C SER C 503 10.32 -2.40 8.27
N ALA C 504 9.24 -1.79 8.74
CA ALA C 504 8.06 -2.57 9.09
C ALA C 504 7.51 -3.20 7.80
N ALA C 505 7.62 -2.47 6.69
CA ALA C 505 7.15 -2.99 5.40
C ALA C 505 8.04 -4.16 4.97
N ASP C 506 9.35 -4.01 5.16
CA ASP C 506 10.29 -5.07 4.80
C ASP C 506 9.93 -6.35 5.56
N ILE C 507 9.70 -6.21 6.85
CA ILE C 507 9.38 -7.34 7.71
C ILE C 507 8.12 -8.10 7.30
N ILE C 508 7.02 -7.40 7.06
CA ILE C 508 5.82 -8.12 6.69
C ILE C 508 5.93 -8.73 5.29
N LYS C 509 6.70 -8.09 4.40
CA LYS C 509 6.88 -8.65 3.07
C LYS C 509 7.64 -9.97 3.19
N LYS C 510 8.67 -10.00 4.04
CA LYS C 510 9.42 -11.24 4.22
C LYS C 510 8.52 -12.29 4.87
N ALA C 511 7.67 -11.85 5.79
CA ALA C 511 6.75 -12.77 6.46
C ALA C 511 5.82 -13.43 5.44
N MET C 512 5.38 -12.67 4.44
CA MET C 512 4.47 -13.23 3.43
C MET C 512 5.16 -14.32 2.63
N ILE C 513 6.41 -14.09 2.28
CA ILE C 513 7.17 -15.07 1.52
C ILE C 513 7.39 -16.32 2.39
N ASP C 514 7.81 -16.13 3.63
CA ASP C 514 8.03 -17.26 4.53
C ASP C 514 6.73 -18.02 4.76
N LEU C 515 5.63 -17.28 4.92
CA LEU C 515 4.33 -17.91 5.16
C LEU C 515 3.89 -18.80 3.99
N ASN C 516 4.01 -18.29 2.77
CA ASN C 516 3.60 -19.11 1.64
C ASN C 516 4.44 -20.37 1.51
N ALA C 517 5.72 -20.28 1.86
CA ALA C 517 6.57 -21.45 1.78
C ALA C 517 6.09 -22.49 2.80
N ARG C 518 5.72 -22.03 3.99
CA ARG C 518 5.23 -22.93 5.03
C ARG C 518 3.88 -23.56 4.67
N LEU C 519 2.99 -22.75 4.08
CA LEU C 519 1.68 -23.27 3.71
C LEU C 519 1.82 -24.37 2.68
N LYS C 520 2.80 -24.21 1.78
CA LYS C 520 3.03 -25.21 0.75
C LYS C 520 3.61 -26.49 1.32
N GLU C 521 4.58 -26.35 2.24
CA GLU C 521 5.21 -27.52 2.86
C GLU C 521 4.18 -28.35 3.60
N GLU C 522 3.22 -27.68 4.23
CA GLU C 522 2.16 -28.34 4.99
C GLU C 522 0.96 -28.72 4.12
N ARG C 523 1.03 -28.32 2.85
CA ARG C 523 -0.05 -28.56 1.89
C ARG C 523 -1.40 -28.14 2.43
N LEU C 524 -1.44 -26.95 3.04
CA LEU C 524 -2.68 -26.41 3.58
C LEU C 524 -3.41 -25.72 2.42
N GLN C 525 -4.74 -25.74 2.47
CA GLN C 525 -5.52 -25.09 1.43
C GLN C 525 -5.63 -23.59 1.72
N ALA C 526 -5.28 -23.19 2.94
CA ALA C 526 -5.32 -21.79 3.33
C ALA C 526 -4.47 -20.96 2.39
N HIS C 527 -4.94 -19.75 2.09
CA HIS C 527 -4.16 -18.87 1.23
C HIS C 527 -4.41 -17.41 1.58
N LEU C 528 -3.42 -16.59 1.27
CA LEU C 528 -3.47 -15.16 1.52
C LEU C 528 -4.49 -14.48 0.61
N LEU C 529 -5.18 -13.50 1.16
CA LEU C 529 -6.15 -12.72 0.40
C LEU C 529 -5.71 -11.26 0.36
N LEU C 530 -5.31 -10.74 1.51
CA LEU C 530 -4.93 -9.34 1.61
C LEU C 530 -3.81 -9.07 2.61
N GLN C 531 -3.18 -7.92 2.45
CA GLN C 531 -2.14 -7.44 3.35
C GLN C 531 -2.55 -6.00 3.61
N VAL C 532 -2.57 -5.58 4.88
CA VAL C 532 -2.91 -4.21 5.21
C VAL C 532 -1.84 -3.60 6.10
N HIS C 533 -0.65 -3.48 5.53
CA HIS C 533 0.53 -2.87 6.15
C HIS C 533 1.16 -3.61 7.33
N ASP C 534 0.36 -3.96 8.34
CA ASP C 534 0.90 -4.69 9.48
C ASP C 534 0.04 -5.91 9.80
N GLU C 535 -0.80 -6.29 8.84
CA GLU C 535 -1.66 -7.45 9.04
C GLU C 535 -1.82 -8.26 7.77
N LEU C 536 -2.07 -9.54 7.94
CA LEU C 536 -2.27 -10.47 6.83
C LEU C 536 -3.64 -11.12 7.02
N ILE C 537 -4.41 -11.16 5.94
CA ILE C 537 -5.74 -11.75 5.97
C ILE C 537 -5.76 -12.95 5.03
N LEU C 538 -6.20 -14.09 5.54
CA LEU C 538 -6.27 -15.32 4.76
C LEU C 538 -7.66 -15.91 4.88
N GLU C 539 -7.93 -16.91 4.05
CA GLU C 539 -9.19 -17.64 4.14
C GLU C 539 -8.75 -19.10 4.08
N ALA C 540 -9.48 -19.98 4.77
CA ALA C 540 -9.12 -21.39 4.77
C ALA C 540 -10.26 -22.24 5.30
N PRO C 541 -10.20 -23.55 5.05
CA PRO C 541 -11.25 -24.45 5.53
C PRO C 541 -11.32 -24.32 7.05
N LYS C 542 -12.51 -24.45 7.62
CA LYS C 542 -12.66 -24.34 9.05
C LYS C 542 -11.76 -25.35 9.76
N GLU C 543 -11.50 -26.49 9.11
CA GLU C 543 -10.67 -27.53 9.69
C GLU C 543 -9.19 -27.16 9.80
N GLU C 544 -8.81 -26.02 9.21
CA GLU C 544 -7.41 -25.60 9.27
C GLU C 544 -7.15 -24.48 10.27
N MET C 545 -8.20 -23.97 10.91
CA MET C 545 -8.03 -22.88 11.86
C MET C 545 -7.03 -23.15 12.98
N GLU C 546 -7.16 -24.29 13.63
CA GLU C 546 -6.25 -24.57 14.74
C GLU C 546 -4.79 -24.55 14.31
N ARG C 547 -4.49 -25.11 13.15
CA ARG C 547 -3.13 -25.11 12.64
C ARG C 547 -2.67 -23.70 12.31
N LEU C 548 -3.56 -22.90 11.72
CA LEU C 548 -3.20 -21.53 11.36
C LEU C 548 -2.92 -20.69 12.60
N CYS C 549 -3.69 -20.91 13.66
CA CYS C 549 -3.51 -20.16 14.90
C CYS C 549 -2.09 -20.27 15.43
N ARG C 550 -1.43 -21.39 15.15
CA ARG C 550 -0.07 -21.57 15.60
C ARG C 550 0.94 -21.19 14.53
N LEU C 551 0.66 -21.60 13.30
CA LEU C 551 1.56 -21.33 12.19
C LEU C 551 1.75 -19.87 11.77
N VAL C 552 0.65 -19.18 11.49
CA VAL C 552 0.76 -17.79 11.03
C VAL C 552 1.47 -16.83 11.99
N PRO C 553 1.07 -16.80 13.28
CA PRO C 553 1.75 -15.87 14.19
C PRO C 553 3.24 -16.19 14.30
N GLU C 554 3.60 -17.47 14.35
CA GLU C 554 5.00 -17.87 14.46
C GLU C 554 5.82 -17.41 13.26
N VAL C 555 5.30 -17.62 12.06
CA VAL C 555 6.02 -17.21 10.86
C VAL C 555 6.20 -15.70 10.83
N MET C 556 5.16 -14.97 11.22
CA MET C 556 5.24 -13.51 11.23
C MET C 556 6.19 -13.01 12.31
N GLU C 557 6.17 -13.64 13.48
CA GLU C 557 7.04 -13.22 14.58
C GLU C 557 8.51 -13.56 14.33
N GLN C 558 8.76 -14.59 13.52
CA GLN C 558 10.13 -15.01 13.25
C GLN C 558 10.71 -14.54 11.90
N ALA C 559 9.96 -13.73 11.16
CA ALA C 559 10.42 -13.24 9.86
C ALA C 559 11.81 -12.61 9.97
N VAL C 560 12.01 -11.82 11.02
CA VAL C 560 13.30 -11.19 11.25
C VAL C 560 13.56 -11.26 12.75
N THR C 561 14.82 -11.11 13.14
CA THR C 561 15.15 -11.15 14.55
C THR C 561 15.63 -9.76 14.95
N LEU C 562 14.90 -9.15 15.87
CA LEU C 562 15.23 -7.81 16.35
C LEU C 562 15.72 -7.89 17.79
N ARG C 563 16.13 -6.75 18.33
CA ARG C 563 16.60 -6.68 19.71
C ARG C 563 15.43 -6.82 20.69
N VAL C 564 14.21 -6.71 20.17
CA VAL C 564 13.02 -6.89 20.99
C VAL C 564 12.16 -7.93 20.29
N PRO C 565 11.27 -8.60 21.02
CA PRO C 565 10.43 -9.60 20.37
C PRO C 565 9.41 -8.96 19.46
N LEU C 566 8.89 -9.74 18.51
CA LEU C 566 7.82 -9.27 17.65
C LEU C 566 6.63 -10.05 18.21
N LYS C 567 5.46 -9.43 18.24
CA LYS C 567 4.27 -10.06 18.78
C LYS C 567 3.15 -9.96 17.76
N VAL C 568 2.47 -11.08 17.53
CA VAL C 568 1.37 -11.11 16.57
C VAL C 568 0.09 -11.64 17.20
N ASP C 569 -0.99 -10.89 17.01
CA ASP C 569 -2.30 -11.29 17.52
C ASP C 569 -3.09 -11.85 16.34
N TYR C 570 -4.13 -12.61 16.62
CA TYR C 570 -4.90 -13.20 15.53
C TYR C 570 -6.34 -13.46 15.92
N HIS C 571 -7.21 -13.50 14.91
CA HIS C 571 -8.63 -13.74 15.11
C HIS C 571 -9.16 -14.39 13.84
N TYR C 572 -10.32 -15.05 13.95
CA TYR C 572 -10.92 -15.65 12.77
C TYR C 572 -12.42 -15.72 12.97
N GLY C 573 -13.14 -15.77 11.85
CA GLY C 573 -14.60 -15.83 11.92
C GLY C 573 -15.22 -16.04 10.57
N SER C 574 -16.55 -16.02 10.52
CA SER C 574 -17.28 -16.25 9.28
C SER C 574 -17.19 -15.12 8.24
N THR C 575 -16.81 -13.92 8.68
CA THR C 575 -16.65 -12.79 7.78
C THR C 575 -15.46 -11.98 8.26
N TRP C 576 -15.00 -11.05 7.44
CA TRP C 576 -13.86 -10.21 7.81
C TRP C 576 -14.19 -9.46 9.10
N TYR C 577 -15.45 -9.06 9.24
CA TYR C 577 -15.92 -8.34 10.42
C TYR C 577 -15.71 -9.17 11.69
N ASP C 578 -16.03 -10.45 11.60
CA ASP C 578 -15.92 -11.35 12.75
C ASP C 578 -14.52 -11.78 13.08
N ALA C 579 -13.58 -11.53 12.17
CA ALA C 579 -12.19 -11.91 12.41
C ALA C 579 -11.59 -10.86 13.34
N LYS C 580 -12.22 -10.70 14.50
CA LYS C 580 -11.82 -9.74 15.51
C LYS C 580 -11.84 -10.37 16.90
C1 GLC D . -0.79 1.27 -13.70
C2 GLC D . -1.56 2.60 -13.96
C3 GLC D . -2.10 3.11 -12.47
C4 GLC D . -3.07 2.02 -11.89
C5 GLC D . -2.37 0.61 -11.83
C6 GLC D . -3.32 -0.55 -11.50
O2 GLC D . -0.69 3.60 -14.48
O3 GLC D . -2.83 4.31 -12.69
O4 GLC D . -3.48 2.46 -10.59
O5 GLC D . -1.75 0.29 -13.13
O6 GLC D . -4.35 -0.68 -12.48
C1 FRU D . 2.33 1.49 -14.25
C2 FRU D . 1.65 0.90 -12.98
C3 FRU D . 2.55 0.89 -11.72
C4 FRU D . 2.13 -0.37 -10.98
C5 FRU D . 1.69 -1.33 -12.12
C6 FRU D . 0.44 -2.19 -11.85
O1 FRU D . 3.53 0.80 -14.62
O2 FRU D . 0.33 1.49 -12.76
O3 FRU D . 2.41 2.06 -10.89
O4 FRU D . 3.18 -0.87 -10.17
O5 FRU D . 1.43 -0.50 -13.28
O6 FRU D . 0.21 -3.04 -12.98
S SO4 E . -4.82 1.27 21.80
O1 SO4 E . -4.59 1.33 20.34
O2 SO4 E . -3.59 0.77 22.46
O3 SO4 E . -5.94 0.36 22.09
O4 SO4 E . -5.14 2.62 22.30
S SO4 F . 8.30 -30.44 -0.52
O1 SO4 F . 8.34 -31.79 0.09
O2 SO4 F . 7.11 -30.33 -1.37
O3 SO4 F . 8.26 -29.42 0.54
O4 SO4 F . 9.52 -30.25 -1.35
S SO4 G . 18.92 -2.20 -36.05
O1 SO4 G . 17.62 -2.25 -35.35
O2 SO4 G . 18.71 -2.40 -37.50
O3 SO4 G . 19.55 -0.89 -35.83
O4 SO4 G . 19.80 -3.27 -35.53
S SO4 H . 11.66 -24.23 -36.07
O1 SO4 H . 12.19 -25.59 -36.21
O2 SO4 H . 10.60 -24.01 -37.08
O3 SO4 H . 11.09 -24.05 -34.73
O4 SO4 H . 12.74 -23.25 -36.29
MG MG I . -2.06 -3.88 14.84
#